data_4HLX
#
_entry.id   4HLX
#
_cell.length_a   65.770
_cell.length_b   128.843
_cell.length_c   228.462
_cell.angle_alpha   90.00
_cell.angle_beta   90.00
_cell.angle_gamma   90.00
#
_symmetry.space_group_name_H-M   'F 2 2 2'
#
loop_
_entity.id
_entity.type
_entity.pdbx_description
1 polymer K9
2 water water
#
_entity_poly.entity_id   1
_entity_poly.type   'polypeptide(L)'
_entity_poly.pdbx_seq_one_letter_code
;MHHHHHHSSGVDLGTENLYFQSMGKASIKDWIVCQVNSGKFPGVEWEDEERTRFRIPVTPLADPCFEWRRDGELGVVYIR
ERGNMPVDASFKGTRGRRRMLAALRRTRGLQEIGKGISQDGHHFLVFRVRKP
;
_entity_poly.pdbx_strand_id   A,B,C,D
#
# COMPACT_ATOMS: atom_id res chain seq x y z
N ALA A 26 -16.23 -1.89 4.03
CA ALA A 26 -15.57 -0.62 3.74
C ALA A 26 -14.05 -0.80 3.68
N SER A 27 -13.34 0.30 3.44
CA SER A 27 -11.89 0.26 3.35
C SER A 27 -11.28 0.06 4.74
N ILE A 28 -10.17 -0.67 4.80
CA ILE A 28 -9.49 -0.89 6.07
C ILE A 28 -8.87 0.43 6.55
N LYS A 29 -8.53 1.30 5.61
CA LYS A 29 -8.00 2.61 5.94
C LYS A 29 -9.04 3.41 6.71
N ASP A 30 -10.27 3.39 6.22
CA ASP A 30 -11.37 4.10 6.87
C ASP A 30 -11.68 3.50 8.22
N TRP A 31 -11.47 2.19 8.36
CA TRP A 31 -11.74 1.47 9.59
C TRP A 31 -10.80 1.91 10.71
N ILE A 32 -9.50 1.68 10.51
CA ILE A 32 -8.52 2.00 11.54
C ILE A 32 -8.60 3.48 11.92
N VAL A 33 -8.80 4.34 10.94
CA VAL A 33 -8.92 5.77 11.17
C VAL A 33 -10.06 6.06 12.14
N CYS A 34 -11.16 5.33 12.01
N CYS A 34 -11.15 5.32 11.99
CA CYS A 34 -12.31 5.50 12.89
CA CYS A 34 -12.32 5.47 12.87
C CYS A 34 -11.98 5.07 14.31
C CYS A 34 -11.98 5.07 14.30
N GLN A 35 -11.21 4.00 14.45
CA GLN A 35 -10.82 3.51 15.76
C GLN A 35 -9.92 4.52 16.44
N VAL A 36 -9.06 5.16 15.66
CA VAL A 36 -8.18 6.20 16.17
C VAL A 36 -9.00 7.40 16.63
N ASN A 37 -10.00 7.76 15.82
CA ASN A 37 -10.83 8.92 16.11
C ASN A 37 -11.79 8.72 17.28
N SER A 38 -12.10 7.47 17.60
CA SER A 38 -13.03 7.16 18.67
C SER A 38 -12.42 7.44 20.05
N GLY A 39 -11.11 7.31 20.16
CA GLY A 39 -10.41 7.57 21.41
C GLY A 39 -10.78 6.59 22.51
N LYS A 40 -11.24 5.40 22.11
CA LYS A 40 -11.63 4.39 23.09
C LYS A 40 -10.63 3.24 23.11
N PHE A 41 -9.48 3.44 22.46
CA PHE A 41 -8.40 2.47 22.50
C PHE A 41 -7.11 3.20 22.88
N PRO A 42 -6.65 3.02 24.12
CA PRO A 42 -5.42 3.70 24.57
C PRO A 42 -4.20 3.29 23.74
N GLY A 43 -3.47 4.27 23.22
CA GLY A 43 -2.31 4.00 22.40
C GLY A 43 -2.65 4.04 20.91
N VAL A 44 -3.93 3.85 20.60
CA VAL A 44 -4.41 3.99 19.24
C VAL A 44 -4.84 5.44 19.06
N GLU A 45 -3.87 6.29 18.74
CA GLU A 45 -4.07 7.73 18.82
C GLU A 45 -3.35 8.47 17.70
N TRP A 46 -3.77 9.70 17.44
CA TRP A 46 -3.08 10.56 16.49
C TRP A 46 -1.77 11.02 17.10
N GLU A 47 -0.79 11.32 16.26
CA GLU A 47 0.51 11.77 16.73
C GLU A 47 0.74 13.25 16.45
N ASP A 48 0.12 13.75 15.39
CA ASP A 48 0.26 15.16 15.01
C ASP A 48 -1.09 15.87 15.03
N GLU A 49 -1.05 17.20 15.10
CA GLU A 49 -2.25 18.01 15.23
C GLU A 49 -3.15 17.93 14.01
N GLU A 50 -2.56 17.66 12.85
CA GLU A 50 -3.31 17.61 11.60
C GLU A 50 -3.92 16.23 11.37
N ARG A 51 -3.63 15.30 12.27
CA ARG A 51 -4.21 13.97 12.21
C ARG A 51 -3.95 13.28 10.87
N THR A 52 -2.68 13.12 10.54
CA THR A 52 -2.29 12.45 9.30
C THR A 52 -1.54 11.16 9.57
N ARG A 53 -0.97 11.02 10.77
CA ARG A 53 -0.33 9.77 11.16
C ARG A 53 -0.73 9.36 12.57
N PHE A 54 -0.90 8.07 12.77
CA PHE A 54 -1.39 7.54 14.04
C PHE A 54 -0.50 6.41 14.56
N ARG A 55 -0.65 6.09 15.83
CA ARG A 55 0.14 5.04 16.45
C ARG A 55 -0.68 3.77 16.62
N ILE A 56 0.01 2.63 16.65
CA ILE A 56 -0.63 1.35 16.90
C ILE A 56 0.19 0.57 17.92
N PRO A 57 -0.36 0.33 19.12
CA PRO A 57 0.35 -0.43 20.15
C PRO A 57 0.63 -1.87 19.72
N VAL A 58 1.88 -2.31 19.87
CA VAL A 58 2.28 -3.65 19.47
C VAL A 58 3.18 -4.30 20.51
N THR A 59 3.02 -3.92 21.77
CA THR A 59 3.82 -4.50 22.84
C THR A 59 3.61 -6.00 22.88
N PRO A 60 4.71 -6.78 22.86
CA PRO A 60 4.62 -8.24 22.91
C PRO A 60 3.94 -8.73 24.19
N LEU A 61 3.31 -9.90 24.11
CA LEU A 61 2.63 -10.48 25.27
C LEU A 61 3.55 -10.63 26.47
N ALA A 62 4.73 -11.19 26.26
CA ALA A 62 5.66 -11.49 27.35
C ALA A 62 6.30 -10.23 27.93
N ASP A 63 6.15 -9.11 27.23
CA ASP A 63 6.74 -7.85 27.68
C ASP A 63 6.10 -7.43 29.00
N PRO A 64 6.92 -7.11 30.01
CA PRO A 64 6.42 -6.72 31.33
C PRO A 64 5.37 -5.61 31.28
N CYS A 65 5.46 -4.74 30.29
CA CYS A 65 4.57 -3.59 30.20
C CYS A 65 3.33 -3.86 29.35
N PHE A 66 3.16 -5.10 28.90
CA PHE A 66 1.99 -5.46 28.10
C PHE A 66 0.72 -5.08 28.83
N GLU A 67 -0.25 -4.58 28.07
CA GLU A 67 -1.52 -4.10 28.63
C GLU A 67 -2.63 -4.40 27.62
N TRP A 68 -3.47 -5.38 27.94
CA TRP A 68 -4.42 -5.90 26.96
C TRP A 68 -5.27 -4.82 26.30
N ARG A 69 -5.93 -4.00 27.11
CA ARG A 69 -6.83 -2.97 26.59
C ARG A 69 -6.12 -2.04 25.60
N ARG A 70 -4.79 -2.10 25.62
CA ARG A 70 -3.97 -1.25 24.78
C ARG A 70 -3.36 -2.02 23.61
N ASP A 71 -2.79 -3.19 23.90
CA ASP A 71 -2.01 -3.92 22.91
C ASP A 71 -2.73 -5.14 22.34
N GLY A 72 -3.96 -5.39 22.79
CA GLY A 72 -4.69 -6.57 22.37
C GLY A 72 -6.11 -6.33 21.90
N GLU A 73 -6.84 -5.49 22.62
CA GLU A 73 -8.26 -5.28 22.37
C GLU A 73 -8.56 -4.86 20.93
N LEU A 74 -7.78 -3.92 20.40
CA LEU A 74 -7.99 -3.44 19.03
C LEU A 74 -7.92 -4.59 18.03
N GLY A 75 -6.92 -5.45 18.20
CA GLY A 75 -6.75 -6.60 17.34
C GLY A 75 -7.96 -7.52 17.32
N VAL A 76 -8.59 -7.68 18.48
CA VAL A 76 -9.76 -8.54 18.58
C VAL A 76 -10.99 -7.86 17.98
N VAL A 77 -11.11 -6.55 18.18
CA VAL A 77 -12.21 -5.80 17.59
C VAL A 77 -12.14 -5.89 16.07
N TYR A 78 -10.91 -5.87 15.54
CA TYR A 78 -10.70 -6.00 14.11
C TYR A 78 -11.32 -7.30 13.58
N ILE A 79 -11.24 -8.36 14.39
CA ILE A 79 -11.78 -9.65 13.98
C ILE A 79 -13.31 -9.63 13.96
N ARG A 80 -13.91 -9.09 15.01
CA ARG A 80 -15.36 -9.03 15.11
C ARG A 80 -15.97 -8.27 13.94
N GLU A 81 -15.28 -7.23 13.48
CA GLU A 81 -15.87 -6.29 12.52
C GLU A 81 -15.45 -6.55 11.07
N ARG A 82 -14.29 -7.18 10.88
CA ARG A 82 -13.76 -7.41 9.55
C ARG A 82 -13.77 -8.90 9.18
N ALA A 89 -10.78 -18.42 16.82
CA ALA A 89 -9.49 -18.80 17.38
C ALA A 89 -8.49 -17.64 17.29
N SER A 90 -8.98 -16.49 16.85
CA SER A 90 -8.17 -15.29 16.77
C SER A 90 -8.14 -14.61 18.14
N PHE A 91 -8.79 -15.22 19.12
CA PHE A 91 -8.82 -14.70 20.49
C PHE A 91 -7.62 -15.19 21.29
N LYS A 92 -6.87 -16.13 20.72
CA LYS A 92 -5.63 -16.60 21.34
C LYS A 92 -4.55 -15.53 21.19
N GLY A 93 -3.81 -15.31 22.26
CA GLY A 93 -2.72 -14.36 22.27
C GLY A 93 -3.07 -13.05 21.58
N THR A 94 -2.18 -12.60 20.71
CA THR A 94 -2.39 -11.37 19.96
C THR A 94 -2.47 -11.66 18.46
N ARG A 95 -3.18 -12.72 18.11
CA ARG A 95 -3.34 -13.11 16.71
C ARG A 95 -4.25 -12.13 15.99
N GLY A 96 -5.25 -11.63 16.70
CA GLY A 96 -6.15 -10.64 16.15
C GLY A 96 -5.38 -9.43 15.67
N ARG A 97 -4.43 -8.99 16.49
CA ARG A 97 -3.58 -7.86 16.15
C ARG A 97 -2.64 -8.21 15.01
N ARG A 98 -2.02 -9.39 15.13
CA ARG A 98 -1.07 -9.87 14.13
C ARG A 98 -1.68 -9.85 12.74
N ARG A 99 -2.97 -10.14 12.66
CA ARG A 99 -3.69 -10.11 11.39
C ARG A 99 -4.02 -8.68 10.97
N MET A 100 -4.49 -7.89 11.92
CA MET A 100 -4.83 -6.50 11.66
C MET A 100 -3.66 -5.77 11.03
N LEU A 101 -2.48 -5.92 11.61
CA LEU A 101 -1.28 -5.27 11.11
C LEU A 101 -1.03 -5.66 9.66
N ALA A 102 -1.07 -6.96 9.40
CA ALA A 102 -0.84 -7.47 8.04
C ALA A 102 -1.69 -6.70 7.04
N ALA A 103 -2.97 -6.56 7.35
CA ALA A 103 -3.91 -5.87 6.46
C ALA A 103 -3.56 -4.38 6.33
N LEU A 104 -3.11 -3.78 7.44
CA LEU A 104 -2.74 -2.37 7.44
C LEU A 104 -1.46 -2.13 6.64
N ARG A 105 -0.56 -3.12 6.65
CA ARG A 105 0.69 -3.03 5.93
C ARG A 105 0.50 -3.40 4.46
N ARG A 106 -0.74 -3.67 4.06
CA ARG A 106 -1.04 -4.11 2.71
C ARG A 106 -1.73 -3.01 1.90
N THR A 107 -2.52 -2.18 2.58
CA THR A 107 -3.28 -1.14 1.89
C THR A 107 -2.40 0.04 1.51
N ARG A 108 -2.57 0.53 0.29
CA ARG A 108 -1.76 1.63 -0.23
C ARG A 108 -2.11 2.95 0.45
N GLY A 109 -3.31 3.01 1.04
CA GLY A 109 -3.78 4.22 1.69
C GLY A 109 -2.95 4.61 2.91
N LEU A 110 -2.23 3.64 3.46
CA LEU A 110 -1.40 3.86 4.63
C LEU A 110 0.07 3.62 4.32
N GLN A 111 0.95 4.13 5.16
CA GLN A 111 2.38 3.90 5.01
C GLN A 111 3.07 3.83 6.36
N GLU A 112 3.57 2.65 6.71
CA GLU A 112 4.35 2.49 7.93
C GLU A 112 5.58 3.38 7.84
N ILE A 113 5.63 4.40 8.70
CA ILE A 113 6.68 5.40 8.63
C ILE A 113 7.71 5.26 9.76
N GLY A 114 7.37 4.51 10.80
CA GLY A 114 8.29 4.28 11.89
C GLY A 114 7.70 3.52 13.07
N LYS A 115 8.42 3.56 14.19
CA LYS A 115 7.98 2.90 15.41
C LYS A 115 8.73 3.50 16.60
N GLY A 116 8.55 2.92 17.79
CA GLY A 116 9.25 3.39 18.96
C GLY A 116 8.70 2.85 20.28
N ILE A 117 9.53 2.94 21.31
CA ILE A 117 9.12 2.55 22.65
C ILE A 117 9.04 3.80 23.53
N SER A 118 7.83 4.13 23.98
CA SER A 118 7.61 5.31 24.78
C SER A 118 8.35 5.21 26.11
N GLN A 119 8.39 6.31 26.85
CA GLN A 119 9.10 6.37 28.12
C GLN A 119 8.55 5.38 29.14
N ASP A 120 7.34 4.86 28.89
CA ASP A 120 6.71 3.92 29.81
C ASP A 120 7.00 2.48 29.44
N GLY A 121 7.46 2.26 28.20
CA GLY A 121 7.79 0.93 27.74
C GLY A 121 6.82 0.39 26.70
N HIS A 122 5.80 1.19 26.36
CA HIS A 122 4.82 0.78 25.36
C HIS A 122 5.38 0.76 23.95
N HIS A 123 5.37 -0.41 23.33
CA HIS A 123 5.78 -0.55 21.93
C HIS A 123 4.65 -0.09 21.02
N PHE A 124 5.00 0.64 19.97
CA PHE A 124 4.00 1.11 19.02
C PHE A 124 4.59 1.24 17.62
N LEU A 125 3.71 1.25 16.62
CA LEU A 125 4.11 1.51 15.23
C LEU A 125 3.50 2.83 14.81
N VAL A 126 4.01 3.41 13.73
CA VAL A 126 3.50 4.69 13.22
C VAL A 126 3.15 4.57 11.75
N PHE A 127 1.87 4.79 11.43
CA PHE A 127 1.39 4.74 10.06
C PHE A 127 0.90 6.11 9.63
N ARG A 128 1.28 6.54 8.42
CA ARG A 128 0.79 7.79 7.87
C ARG A 128 -0.34 7.55 6.89
N VAL A 129 -1.29 8.49 6.86
CA VAL A 129 -2.40 8.44 5.91
C VAL A 129 -2.06 9.31 4.70
N ARG A 130 -2.33 8.80 3.51
CA ARG A 130 -2.04 9.54 2.28
C ARG A 130 -3.26 10.35 1.84
N ALA B 26 10.67 -17.98 -18.57
CA ALA B 26 10.19 -17.82 -17.20
C ALA B 26 8.79 -17.23 -17.17
N SER B 27 8.22 -17.09 -15.98
CA SER B 27 6.89 -16.55 -15.83
C SER B 27 6.83 -15.10 -16.27
N ILE B 28 5.63 -14.56 -16.40
CA ILE B 28 5.45 -13.15 -16.76
C ILE B 28 5.62 -12.27 -15.51
N LYS B 29 5.40 -12.85 -14.34
CA LYS B 29 5.66 -12.13 -13.09
C LYS B 29 7.14 -11.76 -13.02
N ASP B 30 7.99 -12.75 -13.21
CA ASP B 30 9.42 -12.53 -13.21
C ASP B 30 9.80 -11.47 -14.25
N TRP B 31 9.31 -11.64 -15.47
CA TRP B 31 9.63 -10.74 -16.57
C TRP B 31 9.45 -9.27 -16.19
N ILE B 32 8.23 -8.90 -15.80
CA ILE B 32 7.92 -7.50 -15.50
C ILE B 32 8.76 -6.99 -14.33
N VAL B 33 8.99 -7.84 -13.34
CA VAL B 33 9.80 -7.47 -12.18
C VAL B 33 11.23 -7.12 -12.60
N CYS B 34 11.72 -7.79 -13.65
N CYS B 34 11.73 -7.78 -13.65
CA CYS B 34 13.04 -7.50 -14.20
CA CYS B 34 13.06 -7.49 -14.16
C CYS B 34 13.06 -6.11 -14.82
C CYS B 34 13.08 -6.13 -14.86
N GLN B 35 11.98 -5.78 -15.54
CA GLN B 35 11.88 -4.51 -16.24
C GLN B 35 11.81 -3.37 -15.23
N VAL B 36 11.23 -3.64 -14.07
CA VAL B 36 11.14 -2.63 -13.01
C VAL B 36 12.51 -2.40 -12.38
N ASN B 37 13.21 -3.49 -12.09
CA ASN B 37 14.53 -3.40 -11.47
C ASN B 37 15.59 -2.84 -12.40
N SER B 38 15.36 -2.95 -13.72
CA SER B 38 16.33 -2.49 -14.70
C SER B 38 16.48 -0.97 -14.69
N GLY B 39 15.35 -0.28 -14.53
CA GLY B 39 15.35 1.18 -14.55
C GLY B 39 15.36 1.74 -15.95
N LYS B 40 15.26 0.88 -16.96
CA LYS B 40 15.27 1.30 -18.35
C LYS B 40 14.04 2.12 -18.71
N PHE B 41 12.94 1.86 -18.03
CA PHE B 41 11.66 2.49 -18.36
C PHE B 41 11.20 3.44 -17.27
N PRO B 42 11.14 4.74 -17.57
CA PRO B 42 10.62 5.69 -16.58
C PRO B 42 9.14 5.42 -16.31
N GLY B 43 8.73 5.50 -15.05
CA GLY B 43 7.36 5.21 -14.67
C GLY B 43 7.19 3.77 -14.25
N VAL B 44 7.96 2.89 -14.88
CA VAL B 44 7.96 1.48 -14.53
C VAL B 44 8.89 1.28 -13.33
N GLU B 45 8.36 1.55 -12.14
CA GLU B 45 9.19 1.65 -10.95
C GLU B 45 8.49 1.10 -9.71
N TRP B 46 9.26 0.88 -8.65
CA TRP B 46 8.73 0.39 -7.39
C TRP B 46 8.02 1.51 -6.63
N GLU B 47 6.96 1.15 -5.92
CA GLU B 47 6.19 2.12 -5.15
C GLU B 47 6.63 2.11 -3.68
N ASP B 48 7.37 1.07 -3.29
CA ASP B 48 7.87 0.94 -1.93
C ASP B 48 9.31 0.44 -1.93
N GLU B 49 9.95 0.54 -0.78
CA GLU B 49 11.36 0.18 -0.65
C GLU B 49 11.55 -1.34 -0.55
N GLU B 50 10.50 -2.04 -0.12
CA GLU B 50 10.55 -3.49 0.01
C GLU B 50 10.36 -4.18 -1.34
N ARG B 51 9.99 -3.42 -2.36
CA ARG B 51 9.77 -3.95 -3.70
C ARG B 51 8.72 -5.05 -3.67
N THR B 52 7.51 -4.70 -3.25
CA THR B 52 6.40 -5.65 -3.24
C THR B 52 5.31 -5.22 -4.22
N ARG B 53 5.34 -3.96 -4.65
CA ARG B 53 4.38 -3.47 -5.62
C ARG B 53 4.96 -2.37 -6.49
N PHE B 54 4.67 -2.40 -7.78
CA PHE B 54 5.26 -1.47 -8.74
C PHE B 54 4.21 -0.77 -9.59
N ARG B 55 4.64 0.20 -10.40
CA ARG B 55 3.73 0.97 -11.22
C ARG B 55 3.89 0.68 -12.71
N ILE B 56 2.79 0.68 -13.43
CA ILE B 56 2.81 0.55 -14.88
C ILE B 56 2.10 1.75 -15.50
N PRO B 57 2.86 2.60 -16.24
CA PRO B 57 2.28 3.79 -16.88
C PRO B 57 1.24 3.42 -17.94
N VAL B 58 0.11 4.10 -17.94
CA VAL B 58 -0.97 3.80 -18.87
C VAL B 58 -1.69 5.06 -19.37
N THR B 59 -0.94 6.14 -19.51
CA THR B 59 -1.52 7.40 -19.99
C THR B 59 -2.07 7.20 -21.41
N PRO B 60 -3.30 7.68 -21.66
CA PRO B 60 -3.90 7.62 -23.00
C PRO B 60 -3.10 8.38 -24.05
N LEU B 61 -3.25 7.99 -25.31
CA LEU B 61 -2.51 8.62 -26.41
C LEU B 61 -2.85 10.09 -26.60
N ALA B 62 -4.14 10.40 -26.60
CA ALA B 62 -4.60 11.76 -26.86
C ALA B 62 -4.37 12.69 -25.68
N ASP B 63 -3.91 12.13 -24.55
CA ASP B 63 -3.68 12.91 -23.35
C ASP B 63 -2.44 13.80 -23.51
N PRO B 64 -2.55 15.09 -23.16
CA PRO B 64 -1.44 16.04 -23.29
C PRO B 64 -0.15 15.55 -22.64
N CYS B 65 -0.27 14.73 -21.59
CA CYS B 65 0.88 14.30 -20.82
C CYS B 65 1.50 13.01 -21.36
N PHE B 66 0.91 12.43 -22.39
CA PHE B 66 1.43 11.19 -22.95
C PHE B 66 2.91 11.31 -23.25
N GLU B 67 3.62 10.21 -23.13
CA GLU B 67 5.08 10.21 -23.25
C GLU B 67 5.51 8.78 -23.59
N TRP B 68 5.86 8.56 -24.85
CA TRP B 68 6.03 7.20 -25.37
C TRP B 68 7.04 6.36 -24.57
N ARG B 69 8.20 6.93 -24.29
CA ARG B 69 9.24 6.23 -23.54
C ARG B 69 8.70 5.73 -22.21
N ARG B 70 7.59 6.34 -21.76
CA ARG B 70 7.00 6.02 -20.48
C ARG B 70 5.71 5.19 -20.63
N ASP B 71 4.85 5.59 -21.56
CA ASP B 71 3.52 5.01 -21.68
C ASP B 71 3.37 4.02 -22.85
N GLY B 72 4.42 3.86 -23.63
CA GLY B 72 4.34 3.02 -24.82
C GLY B 72 5.46 1.99 -24.95
N GLU B 73 6.69 2.41 -24.72
CA GLU B 73 7.86 1.57 -24.97
C GLU B 73 7.75 0.21 -24.27
N LEU B 74 7.37 0.20 -22.99
CA LEU B 74 7.29 -1.04 -22.24
C LEU B 74 6.43 -2.08 -22.96
N GLY B 75 5.23 -1.65 -23.37
CA GLY B 75 4.32 -2.53 -24.10
C GLY B 75 4.96 -3.16 -25.33
N VAL B 76 5.69 -2.35 -26.09
CA VAL B 76 6.36 -2.83 -27.30
C VAL B 76 7.47 -3.83 -26.96
N VAL B 77 8.23 -3.53 -25.91
CA VAL B 77 9.30 -4.42 -25.47
C VAL B 77 8.73 -5.77 -25.08
N TYR B 78 7.51 -5.77 -24.53
CA TYR B 78 6.83 -7.00 -24.18
C TYR B 78 6.52 -7.80 -25.44
N ILE B 79 6.03 -7.11 -26.47
CA ILE B 79 5.72 -7.75 -27.74
C ILE B 79 6.94 -8.44 -28.30
N ARG B 80 8.07 -7.73 -28.30
CA ARG B 80 9.31 -8.26 -28.86
C ARG B 80 9.79 -9.50 -28.11
N GLU B 81 9.77 -9.45 -26.79
CA GLU B 81 10.39 -10.48 -25.96
C GLU B 81 9.45 -11.63 -25.59
N ARG B 82 8.16 -11.33 -25.42
CA ARG B 82 7.24 -12.31 -24.84
C ARG B 82 6.00 -12.59 -25.71
N GLY B 83 5.91 -11.94 -26.87
CA GLY B 83 4.72 -12.05 -27.69
C GLY B 83 4.70 -13.28 -28.59
N ASN B 84 3.52 -13.60 -29.10
CA ASN B 84 3.36 -14.70 -30.05
C ASN B 84 3.85 -14.30 -31.45
N SER B 90 0.56 -5.67 -32.08
CA SER B 90 0.97 -4.76 -33.15
C SER B 90 1.55 -3.47 -32.55
N PHE B 91 2.03 -2.58 -33.40
CA PHE B 91 2.70 -1.37 -32.95
C PHE B 91 1.87 -0.12 -33.20
N LYS B 92 0.57 -0.30 -33.39
CA LYS B 92 -0.35 0.83 -33.54
C LYS B 92 -0.68 1.34 -32.15
N GLY B 93 -0.81 2.66 -32.02
CA GLY B 93 -1.09 3.28 -30.75
C GLY B 93 -0.40 2.56 -29.61
N THR B 94 -1.16 2.15 -28.61
CA THR B 94 -0.61 1.46 -27.45
C THR B 94 -1.14 0.05 -27.35
N ARG B 95 -1.34 -0.60 -28.50
CA ARG B 95 -1.85 -1.96 -28.55
C ARG B 95 -0.92 -2.92 -27.81
N GLY B 96 0.38 -2.68 -27.92
CA GLY B 96 1.37 -3.52 -27.28
C GLY B 96 1.22 -3.51 -25.77
N ARG B 97 0.89 -2.35 -25.23
CA ARG B 97 0.67 -2.20 -23.80
C ARG B 97 -0.59 -2.93 -23.38
N ARG B 98 -1.60 -2.91 -24.24
CA ARG B 98 -2.88 -3.55 -23.94
C ARG B 98 -2.72 -5.07 -23.86
N ARG B 99 -1.87 -5.63 -24.70
CA ARG B 99 -1.58 -7.06 -24.65
C ARG B 99 -0.81 -7.39 -23.38
N MET B 100 0.12 -6.51 -23.03
CA MET B 100 0.95 -6.69 -21.85
C MET B 100 0.09 -6.67 -20.58
N LEU B 101 -0.69 -5.60 -20.42
CA LEU B 101 -1.60 -5.48 -19.28
C LEU B 101 -2.49 -6.70 -19.18
N ALA B 102 -3.01 -7.14 -20.32
CA ALA B 102 -3.87 -8.32 -20.39
C ALA B 102 -3.12 -9.53 -19.83
N ALA B 103 -1.86 -9.66 -20.21
CA ALA B 103 -1.04 -10.77 -19.75
C ALA B 103 -0.76 -10.68 -18.26
N LEU B 104 -0.50 -9.46 -17.78
CA LEU B 104 -0.20 -9.24 -16.36
C LEU B 104 -1.39 -9.57 -15.48
N ARG B 105 -2.59 -9.38 -16.01
CA ARG B 105 -3.81 -9.59 -15.23
C ARG B 105 -4.25 -11.05 -15.19
N ARG B 106 -3.44 -11.94 -15.78
CA ARG B 106 -3.75 -13.37 -15.75
C ARG B 106 -2.56 -14.20 -15.29
N THR B 107 -1.61 -13.56 -14.61
CA THR B 107 -0.51 -14.29 -13.99
C THR B 107 -0.77 -14.44 -12.49
N ARG B 108 -0.57 -15.66 -11.98
CA ARG B 108 -0.90 -15.97 -10.59
C ARG B 108 -0.22 -15.03 -9.61
N GLY B 109 1.07 -14.78 -9.82
CA GLY B 109 1.86 -14.05 -8.86
C GLY B 109 1.84 -12.54 -9.00
N LEU B 110 0.79 -12.01 -9.62
CA LEU B 110 0.59 -10.57 -9.71
C LEU B 110 -0.86 -10.23 -9.42
N GLN B 111 -1.06 -9.11 -8.72
CA GLN B 111 -2.41 -8.65 -8.40
C GLN B 111 -2.53 -7.15 -8.57
N GLU B 112 -3.44 -6.72 -9.43
CA GLU B 112 -3.73 -5.31 -9.61
C GLU B 112 -4.46 -4.79 -8.38
N ILE B 113 -3.86 -3.81 -7.72
CA ILE B 113 -4.38 -3.33 -6.44
C ILE B 113 -4.74 -1.85 -6.46
N GLY B 114 -4.74 -1.23 -7.62
CA GLY B 114 -5.17 0.15 -7.74
C GLY B 114 -4.62 0.90 -8.93
N LYS B 115 -4.90 2.20 -8.96
CA LYS B 115 -4.43 3.09 -10.01
C LYS B 115 -4.29 4.49 -9.45
N GLY B 116 -3.99 5.46 -10.31
CA GLY B 116 -3.86 6.84 -9.86
C GLY B 116 -3.21 7.74 -10.88
N ILE B 117 -3.20 9.04 -10.60
CA ILE B 117 -2.58 10.02 -11.50
C ILE B 117 -1.68 10.96 -10.71
N SER B 118 -0.39 10.91 -11.00
CA SER B 118 0.59 11.73 -10.30
C SER B 118 0.31 13.22 -10.51
N GLN B 119 1.13 14.07 -9.88
CA GLN B 119 0.96 15.51 -9.99
C GLN B 119 1.27 15.99 -11.41
N ASP B 120 2.16 15.28 -12.09
CA ASP B 120 2.58 15.65 -13.44
C ASP B 120 1.53 15.26 -14.48
N GLY B 121 0.61 14.37 -14.10
CA GLY B 121 -0.44 13.93 -14.99
C GLY B 121 -0.15 12.60 -15.64
N HIS B 122 0.73 11.82 -15.01
CA HIS B 122 1.08 10.49 -15.51
C HIS B 122 0.11 9.45 -14.96
N HIS B 123 -0.62 8.79 -15.86
CA HIS B 123 -1.52 7.71 -15.47
C HIS B 123 -0.71 6.46 -15.20
N PHE B 124 -1.12 5.69 -14.18
CA PHE B 124 -0.42 4.46 -13.86
C PHE B 124 -1.33 3.46 -13.14
N LEU B 125 -0.96 2.18 -13.23
CA LEU B 125 -1.62 1.12 -12.50
C LEU B 125 -0.63 0.55 -11.49
N VAL B 126 -1.14 -0.11 -10.45
CA VAL B 126 -0.27 -0.67 -9.42
C VAL B 126 -0.48 -2.18 -9.28
N PHE B 127 0.61 -2.94 -9.41
CA PHE B 127 0.56 -4.38 -9.27
C PHE B 127 1.40 -4.84 -8.09
N ARG B 128 0.85 -5.73 -7.27
CA ARG B 128 1.57 -6.29 -6.13
C ARG B 128 2.11 -7.68 -6.47
N VAL B 129 3.37 -7.90 -6.10
CA VAL B 129 4.00 -9.21 -6.29
C VAL B 129 3.62 -10.14 -5.16
N ARG B 130 3.47 -11.43 -5.47
CA ARG B 130 3.09 -12.42 -4.48
C ARG B 130 4.25 -12.73 -3.54
N SER C 27 -23.25 -23.10 -14.87
CA SER C 27 -22.01 -22.36 -14.62
C SER C 27 -21.41 -22.75 -13.27
N ILE C 28 -20.17 -23.19 -13.29
CA ILE C 28 -19.45 -23.54 -12.06
C ILE C 28 -19.00 -22.25 -11.37
N LYS C 29 -18.58 -21.27 -12.17
CA LYS C 29 -18.18 -19.98 -11.66
C LYS C 29 -19.30 -19.37 -10.81
N ASP C 30 -20.49 -19.28 -11.38
CA ASP C 30 -21.64 -18.71 -10.69
C ASP C 30 -21.90 -19.43 -9.37
N TRP C 31 -21.81 -20.76 -9.39
CA TRP C 31 -22.14 -21.56 -8.23
C TRP C 31 -21.19 -21.34 -7.06
N ILE C 32 -19.89 -21.42 -7.32
CA ILE C 32 -18.90 -21.28 -6.26
C ILE C 32 -18.89 -19.85 -5.70
N VAL C 33 -19.08 -18.87 -6.59
CA VAL C 33 -19.11 -17.48 -6.17
C VAL C 33 -20.25 -17.23 -5.19
N CYS C 34 -21.36 -17.91 -5.40
N CYS C 34 -21.38 -17.77 -5.51
CA CYS C 34 -22.54 -17.73 -4.56
CA CYS C 34 -22.52 -17.74 -4.65
C CYS C 34 -22.33 -18.36 -3.18
C CYS C 34 -22.46 -18.51 -3.27
N GLN C 35 -21.64 -19.50 -3.14
CA GLN C 35 -21.36 -20.17 -1.88
C GLN C 35 -20.44 -19.27 -1.06
N VAL C 36 -19.55 -18.56 -1.75
CA VAL C 36 -18.66 -17.60 -1.11
C VAL C 36 -19.46 -16.42 -0.57
N ASN C 37 -20.39 -15.93 -1.38
CA ASN C 37 -21.22 -14.80 -0.98
C ASN C 37 -22.20 -15.14 0.14
N SER C 38 -22.64 -16.38 0.19
CA SER C 38 -23.64 -16.80 1.19
C SER C 38 -23.12 -16.64 2.61
N GLY C 39 -21.81 -16.82 2.79
CA GLY C 39 -21.19 -16.66 4.10
C GLY C 39 -21.59 -17.71 5.10
N LYS C 40 -22.17 -18.82 4.64
CA LYS C 40 -22.59 -19.89 5.53
C LYS C 40 -21.56 -21.02 5.59
N PHE C 41 -20.51 -20.91 4.78
CA PHE C 41 -19.40 -21.85 4.84
C PHE C 41 -18.16 -21.15 5.40
N PRO C 42 -17.72 -21.54 6.60
CA PRO C 42 -16.53 -20.93 7.19
C PRO C 42 -15.26 -21.28 6.40
N GLY C 43 -14.43 -20.28 6.15
CA GLY C 43 -13.21 -20.50 5.38
C GLY C 43 -13.44 -20.21 3.90
N VAL C 44 -14.70 -20.27 3.48
CA VAL C 44 -15.06 -19.96 2.10
C VAL C 44 -15.39 -18.48 1.99
N GLU C 45 -14.33 -17.66 1.92
CA GLU C 45 -14.46 -16.22 2.06
C GLU C 45 -13.72 -15.46 0.97
N TRP C 46 -14.18 -14.24 0.69
CA TRP C 46 -13.44 -13.33 -0.19
C TRP C 46 -12.14 -12.93 0.52
N GLU C 47 -11.06 -12.86 -0.24
CA GLU C 47 -9.77 -12.49 0.31
C GLU C 47 -9.58 -10.98 0.24
N ASP C 48 -10.04 -10.39 -0.85
CA ASP C 48 -9.92 -8.94 -1.03
C ASP C 48 -11.27 -8.26 -0.91
N GLU C 49 -11.25 -6.93 -0.79
CA GLU C 49 -12.46 -6.15 -0.59
C GLU C 49 -13.17 -5.87 -1.92
N GLU C 50 -12.50 -6.16 -3.03
CA GLU C 50 -13.07 -5.98 -4.35
C GLU C 50 -13.89 -7.21 -4.76
N ARG C 51 -13.82 -8.26 -3.96
CA ARG C 51 -14.56 -9.49 -4.23
C ARG C 51 -14.16 -10.10 -5.57
N THR C 52 -12.85 -10.31 -5.75
CA THR C 52 -12.34 -10.94 -6.95
C THR C 52 -11.48 -12.16 -6.63
N ARG C 53 -11.14 -12.34 -5.35
CA ARG C 53 -10.35 -13.48 -4.92
C ARG C 53 -11.04 -14.17 -3.75
N PHE C 54 -11.37 -15.45 -3.92
CA PHE C 54 -11.98 -16.21 -2.83
C PHE C 54 -11.10 -17.39 -2.44
N ARG C 55 -11.24 -17.84 -1.19
CA ARG C 55 -10.45 -18.94 -0.67
C ARG C 55 -11.28 -20.22 -0.55
N ILE C 56 -10.64 -21.35 -0.78
CA ILE C 56 -11.26 -22.66 -0.59
C ILE C 56 -10.44 -23.49 0.37
N PRO C 57 -10.98 -23.78 1.56
CA PRO C 57 -10.25 -24.60 2.53
C PRO C 57 -9.95 -26.00 1.99
N VAL C 58 -8.71 -26.46 2.16
CA VAL C 58 -8.30 -27.77 1.68
C VAL C 58 -7.39 -28.48 2.68
N THR C 59 -7.69 -28.32 3.97
CA THR C 59 -6.91 -28.97 5.01
C THR C 59 -7.08 -30.49 4.91
N PRO C 60 -5.95 -31.22 4.81
CA PRO C 60 -6.01 -32.68 4.71
C PRO C 60 -6.69 -33.34 5.90
N LEU C 61 -7.33 -34.48 5.68
CA LEU C 61 -8.04 -35.20 6.74
C LEU C 61 -7.12 -35.54 7.91
N ALA C 62 -5.87 -35.88 7.61
CA ALA C 62 -4.92 -36.29 8.65
C ALA C 62 -4.50 -35.12 9.52
N ASP C 63 -4.33 -33.95 8.91
CA ASP C 63 -3.91 -32.76 9.64
C ASP C 63 -4.78 -32.58 10.88
N PRO C 64 -4.15 -32.46 12.06
CA PRO C 64 -4.90 -32.29 13.31
C PRO C 64 -5.84 -31.10 13.29
N CYS C 65 -5.58 -30.14 12.40
CA CYS C 65 -6.39 -28.92 12.32
C CYS C 65 -7.62 -29.10 11.44
N PHE C 66 -7.86 -30.31 10.94
CA PHE C 66 -8.99 -30.55 10.07
C PHE C 66 -10.30 -30.15 10.73
N GLU C 67 -11.22 -29.61 9.94
CA GLU C 67 -12.47 -29.08 10.44
C GLU C 67 -13.54 -29.24 9.37
N TRP C 68 -14.41 -30.24 9.55
CA TRP C 68 -15.34 -30.62 8.49
C TRP C 68 -16.16 -29.47 7.94
N ARG C 69 -16.81 -28.71 8.82
CA ARG C 69 -17.64 -27.60 8.40
C ARG C 69 -16.87 -26.63 7.50
N ARG C 70 -15.54 -26.74 7.54
CA ARG C 70 -14.68 -25.89 6.75
C ARG C 70 -14.13 -26.62 5.52
N ASP C 71 -13.43 -27.72 5.74
CA ASP C 71 -12.68 -28.38 4.68
C ASP C 71 -13.41 -29.57 4.08
N GLY C 72 -14.68 -29.75 4.43
CA GLY C 72 -15.42 -30.93 3.99
C GLY C 72 -16.81 -30.65 3.45
N GLU C 73 -17.60 -29.91 4.20
CA GLU C 73 -19.02 -29.72 3.88
C GLU C 73 -19.23 -29.15 2.47
N LEU C 74 -18.49 -28.10 2.13
CA LEU C 74 -18.67 -27.44 0.84
C LEU C 74 -18.62 -28.44 -0.31
N GLY C 75 -17.64 -29.33 -0.27
CA GLY C 75 -17.50 -30.37 -1.28
C GLY C 75 -18.72 -31.26 -1.37
N VAL C 76 -19.31 -31.59 -0.22
CA VAL C 76 -20.50 -32.42 -0.19
C VAL C 76 -21.69 -31.67 -0.78
N VAL C 77 -21.82 -30.40 -0.42
CA VAL C 77 -22.91 -29.58 -0.96
C VAL C 77 -22.79 -29.51 -2.47
N TYR C 78 -21.55 -29.40 -2.97
CA TYR C 78 -21.30 -29.39 -4.40
C TYR C 78 -21.87 -30.65 -5.06
N ILE C 79 -21.70 -31.78 -4.40
CA ILE C 79 -22.21 -33.06 -4.93
C ILE C 79 -23.73 -33.08 -4.96
N ARG C 80 -24.34 -32.54 -3.91
CA ARG C 80 -25.81 -32.55 -3.81
C ARG C 80 -26.45 -31.70 -4.90
N GLU C 81 -25.78 -30.60 -5.27
CA GLU C 81 -26.37 -29.61 -6.16
C GLU C 81 -25.83 -29.68 -7.59
N ARG C 82 -24.61 -30.20 -7.75
CA ARG C 82 -23.97 -30.26 -9.06
C ARG C 82 -23.44 -31.64 -9.42
N GLY C 83 -23.64 -32.61 -8.52
CA GLY C 83 -23.16 -33.96 -8.76
C GLY C 83 -24.23 -35.00 -8.47
N ALA C 89 -20.80 -42.50 -0.97
CA ALA C 89 -20.29 -42.47 -2.33
C ALA C 89 -19.07 -41.53 -2.39
N SER C 90 -19.26 -40.35 -2.96
CA SER C 90 -18.30 -39.28 -2.82
C SER C 90 -18.54 -38.58 -1.48
N PHE C 91 -19.46 -39.13 -0.70
CA PHE C 91 -19.70 -38.71 0.67
C PHE C 91 -18.65 -39.28 1.61
N LYS C 92 -17.72 -40.05 1.06
CA LYS C 92 -16.63 -40.65 1.83
C LYS C 92 -15.40 -39.76 1.80
N GLY C 93 -14.90 -39.42 2.99
CA GLY C 93 -13.73 -38.58 3.11
C GLY C 93 -13.94 -37.20 2.52
N THR C 94 -12.98 -36.76 1.71
CA THR C 94 -13.09 -35.47 1.05
C THR C 94 -13.19 -35.68 -0.46
N ARG C 95 -13.88 -36.74 -0.86
CA ARG C 95 -14.10 -37.03 -2.28
C ARG C 95 -14.96 -35.94 -2.92
N GLY C 96 -15.89 -35.39 -2.13
CA GLY C 96 -16.74 -34.32 -2.59
C GLY C 96 -15.94 -33.06 -2.88
N ARG C 97 -15.00 -32.74 -1.99
CA ARG C 97 -14.15 -31.57 -2.17
C ARG C 97 -13.25 -31.75 -3.39
N ARG C 98 -12.59 -32.91 -3.46
CA ARG C 98 -11.70 -33.22 -4.57
C ARG C 98 -12.40 -33.01 -5.90
N ARG C 99 -13.63 -33.49 -5.99
CA ARG C 99 -14.42 -33.35 -7.21
C ARG C 99 -14.67 -31.88 -7.52
N MET C 100 -14.96 -31.11 -6.49
CA MET C 100 -15.25 -29.69 -6.65
C MET C 100 -14.03 -28.94 -7.17
N LEU C 101 -12.86 -29.26 -6.63
CA LEU C 101 -11.63 -28.58 -7.03
C LEU C 101 -11.32 -28.86 -8.51
N ALA C 102 -11.57 -30.09 -8.94
CA ALA C 102 -11.35 -30.46 -10.33
C ALA C 102 -12.20 -29.60 -11.26
N ALA C 103 -13.42 -29.31 -10.83
CA ALA C 103 -14.33 -28.48 -11.61
C ALA C 103 -13.92 -27.01 -11.54
N LEU C 104 -13.37 -26.61 -10.41
CA LEU C 104 -12.94 -25.22 -10.21
C LEU C 104 -11.71 -24.90 -11.06
N ARG C 105 -10.85 -25.90 -11.25
CA ARG C 105 -9.64 -25.74 -12.04
C ARG C 105 -9.92 -25.94 -13.53
N ARG C 106 -11.17 -26.28 -13.84
CA ARG C 106 -11.59 -26.55 -15.21
C ARG C 106 -12.30 -25.33 -15.80
N THR C 107 -12.86 -24.50 -14.93
CA THR C 107 -13.63 -23.34 -15.36
C THR C 107 -12.74 -22.26 -15.98
N ARG C 108 -13.28 -21.57 -16.99
CA ARG C 108 -12.53 -20.58 -17.74
C ARG C 108 -12.46 -19.23 -17.02
N GLY C 109 -13.56 -18.85 -16.39
CA GLY C 109 -13.65 -17.58 -15.69
C GLY C 109 -13.01 -17.60 -14.31
N LEU C 110 -12.30 -18.67 -13.98
CA LEU C 110 -11.59 -18.75 -12.70
C LEU C 110 -10.12 -19.09 -12.95
N GLN C 111 -9.24 -18.58 -12.08
CA GLN C 111 -7.83 -18.92 -12.15
C GLN C 111 -7.28 -19.21 -10.75
N GLU C 112 -6.75 -20.42 -10.56
CA GLU C 112 -6.09 -20.76 -9.31
C GLU C 112 -4.75 -20.03 -9.23
N ILE C 113 -4.63 -19.13 -8.28
CA ILE C 113 -3.44 -18.27 -8.20
C ILE C 113 -2.48 -18.65 -7.08
N GLY C 114 -2.83 -19.68 -6.31
CA GLY C 114 -1.91 -20.18 -5.30
C GLY C 114 -2.58 -20.82 -4.09
N LYS C 115 -1.75 -21.07 -3.06
CA LYS C 115 -2.21 -21.72 -1.83
C LYS C 115 -1.60 -21.00 -0.63
N GLY C 116 -1.97 -21.43 0.57
CA GLY C 116 -1.45 -20.83 1.79
C GLY C 116 -1.90 -21.53 3.05
N ILE C 117 -1.25 -21.20 4.17
CA ILE C 117 -1.61 -21.76 5.46
C ILE C 117 -1.74 -20.65 6.50
N SER C 118 -2.97 -20.41 6.95
CA SER C 118 -3.23 -19.35 7.93
C SER C 118 -2.57 -19.69 9.26
N GLN C 119 -2.75 -18.81 10.24
CA GLN C 119 -2.14 -19.00 11.55
C GLN C 119 -2.69 -20.23 12.25
N ASP C 120 -4.02 -20.30 12.36
CA ASP C 120 -4.67 -21.42 13.04
C ASP C 120 -4.22 -22.77 12.47
N GLY C 121 -3.68 -22.76 11.26
CA GLY C 121 -3.17 -23.95 10.63
C GLY C 121 -4.11 -24.47 9.55
N HIS C 122 -4.94 -23.59 9.02
CA HIS C 122 -5.89 -23.97 7.98
C HIS C 122 -5.27 -23.87 6.59
N HIS C 123 -5.37 -24.95 5.83
CA HIS C 123 -4.94 -24.95 4.43
C HIS C 123 -6.07 -24.35 3.60
N PHE C 124 -5.70 -23.61 2.56
CA PHE C 124 -6.69 -23.05 1.65
C PHE C 124 -6.08 -22.81 0.27
N LEU C 125 -6.95 -22.75 -0.74
CA LEU C 125 -6.53 -22.41 -2.09
C LEU C 125 -7.11 -21.06 -2.44
N VAL C 126 -6.41 -20.31 -3.29
CA VAL C 126 -6.87 -18.99 -3.71
C VAL C 126 -7.24 -19.00 -5.18
N PHE C 127 -8.48 -18.63 -5.48
CA PHE C 127 -8.96 -18.52 -6.85
C PHE C 127 -9.32 -17.07 -7.17
N ARG C 128 -9.15 -16.69 -8.42
CA ARG C 128 -9.47 -15.33 -8.85
C ARG C 128 -10.61 -15.36 -9.86
N VAL C 129 -11.58 -14.46 -9.69
CA VAL C 129 -12.74 -14.39 -10.57
C VAL C 129 -12.49 -13.38 -11.69
N ARG C 130 -13.22 -13.55 -12.78
CA ARG C 130 -13.14 -12.64 -13.92
C ARG C 130 -11.90 -12.92 -14.74
N SER D 27 17.16 10.66 4.37
CA SER D 27 16.43 11.30 5.47
C SER D 27 16.25 12.79 5.21
N ILE D 28 15.04 13.17 4.82
CA ILE D 28 14.73 14.56 4.48
C ILE D 28 15.07 15.51 5.61
N LYS D 29 14.87 15.07 6.85
CA LYS D 29 15.16 15.91 8.01
C LYS D 29 16.62 16.36 7.98
N ASP D 30 17.52 15.40 7.84
CA ASP D 30 18.94 15.70 7.81
C ASP D 30 19.27 16.61 6.63
N TRP D 31 18.71 16.30 5.46
CA TRP D 31 18.99 17.05 4.25
C TRP D 31 18.71 18.55 4.42
N ILE D 32 17.48 18.88 4.78
CA ILE D 32 17.08 20.28 4.91
C ILE D 32 17.91 20.98 6.00
N VAL D 33 18.22 20.25 7.06
CA VAL D 33 19.05 20.80 8.13
C VAL D 33 20.44 21.14 7.60
N CYS D 34 20.97 20.30 6.72
N CYS D 34 20.97 20.31 6.72
CA CYS D 34 22.26 20.55 6.10
CA CYS D 34 22.28 20.56 6.12
C CYS D 34 22.24 21.85 5.31
C CYS D 34 22.25 21.85 5.29
N GLN D 35 21.15 22.06 4.58
CA GLN D 35 21.00 23.25 3.75
C GLN D 35 20.98 24.51 4.62
N VAL D 36 20.28 24.42 5.75
CA VAL D 36 20.23 25.54 6.68
C VAL D 36 21.62 25.83 7.22
N ASN D 37 22.30 24.79 7.68
CA ASN D 37 23.64 24.93 8.25
C ASN D 37 24.67 25.41 7.24
N SER D 38 24.48 25.08 5.97
CA SER D 38 25.44 25.45 4.94
C SER D 38 25.56 26.96 4.83
N GLY D 39 24.44 27.66 5.04
CA GLY D 39 24.40 29.10 4.95
C GLY D 39 24.66 29.61 3.55
N LYS D 40 24.37 28.79 2.54
CA LYS D 40 24.54 29.22 1.15
C LYS D 40 23.20 29.52 0.50
N PHE D 41 22.12 29.42 1.27
CA PHE D 41 20.80 29.80 0.79
C PHE D 41 20.23 30.90 1.68
N PRO D 42 20.16 32.14 1.15
CA PRO D 42 19.58 33.22 1.96
C PRO D 42 18.13 32.93 2.34
N GLY D 43 17.76 33.20 3.58
CA GLY D 43 16.42 32.95 4.05
C GLY D 43 16.24 31.56 4.64
N VAL D 44 17.11 30.64 4.26
CA VAL D 44 17.08 29.28 4.78
C VAL D 44 17.99 29.23 5.99
N GLU D 45 17.44 29.64 7.13
CA GLU D 45 18.27 29.95 8.28
C GLU D 45 17.61 29.51 9.58
N TRP D 46 18.43 29.34 10.62
CA TRP D 46 17.92 29.07 11.95
C TRP D 46 17.25 30.33 12.48
N GLU D 47 16.16 30.15 13.20
CA GLU D 47 15.44 31.28 13.78
C GLU D 47 15.98 31.59 15.17
N ASP D 48 16.29 30.55 15.93
CA ASP D 48 16.77 30.72 17.30
C ASP D 48 18.25 30.39 17.40
N GLU D 49 18.91 30.98 18.40
CA GLU D 49 20.34 30.75 18.60
C GLU D 49 20.61 29.28 18.95
N GLU D 50 19.66 28.64 19.62
CA GLU D 50 19.80 27.23 19.97
C GLU D 50 19.73 26.33 18.73
N ARG D 51 19.36 26.92 17.60
CA ARG D 51 19.32 26.20 16.33
C ARG D 51 18.47 24.93 16.44
N THR D 52 17.19 25.13 16.73
CA THR D 52 16.24 24.01 16.83
C THR D 52 15.10 24.15 15.83
N ARG D 53 14.94 25.35 15.28
CA ARG D 53 13.89 25.60 14.30
C ARG D 53 14.37 26.57 13.22
N PHE D 54 14.11 26.23 11.97
CA PHE D 54 14.61 26.99 10.83
C PHE D 54 13.48 27.58 9.99
N ARG D 55 13.84 28.47 9.07
CA ARG D 55 12.86 29.10 8.19
C ARG D 55 12.98 28.61 6.76
N ILE D 56 11.85 28.59 6.07
CA ILE D 56 11.83 28.26 4.65
C ILE D 56 11.14 29.39 3.90
N PRO D 57 11.89 30.09 3.02
CA PRO D 57 11.28 31.13 2.19
C PRO D 57 10.17 30.59 1.30
N VAL D 58 9.04 31.29 1.22
CA VAL D 58 7.92 30.85 0.41
C VAL D 58 7.21 32.04 -0.27
N THR D 59 7.96 33.08 -0.58
CA THR D 59 7.39 34.24 -1.27
C THR D 59 6.84 33.79 -2.62
N PRO D 60 5.59 34.17 -2.92
CA PRO D 60 4.97 33.80 -4.21
C PRO D 60 5.64 34.51 -5.39
N LEU D 61 5.58 33.89 -6.57
CA LEU D 61 6.19 34.44 -7.77
C LEU D 61 5.66 35.85 -8.08
N ALA D 62 4.34 36.02 -7.96
CA ALA D 62 3.70 37.28 -8.32
C ALA D 62 4.01 38.41 -7.34
N ASP D 63 4.59 38.07 -6.19
CA ASP D 63 4.84 39.06 -5.14
C ASP D 63 5.99 39.98 -5.55
N PRO D 64 5.84 41.29 -5.30
CA PRO D 64 6.85 42.28 -5.65
C PRO D 64 8.23 41.98 -5.05
N CYS D 65 8.27 41.17 -3.99
CA CYS D 65 9.52 40.91 -3.28
C CYS D 65 10.09 39.53 -3.58
N PHE D 66 9.64 38.89 -4.65
CA PHE D 66 10.16 37.57 -4.99
C PHE D 66 11.63 37.64 -5.34
N GLU D 67 12.35 36.58 -5.01
CA GLU D 67 13.80 36.54 -5.20
C GLU D 67 14.22 35.08 -5.35
N TRP D 68 14.56 34.70 -6.58
CA TRP D 68 14.78 33.28 -6.89
C TRP D 68 15.77 32.60 -5.95
N ARG D 69 16.95 33.17 -5.83
CA ARG D 69 18.00 32.57 -4.99
C ARG D 69 17.48 32.30 -3.57
N ARG D 70 16.38 32.95 -3.22
CA ARG D 70 15.82 32.84 -1.89
C ARG D 70 14.61 31.92 -1.85
N ASP D 71 13.61 32.22 -2.67
CA ASP D 71 12.32 31.54 -2.61
C ASP D 71 12.15 30.45 -3.68
N GLY D 72 13.20 30.17 -4.44
CA GLY D 72 13.09 29.24 -5.55
C GLY D 72 14.21 28.23 -5.65
N GLU D 73 15.46 28.70 -5.54
CA GLU D 73 16.61 27.84 -5.74
C GLU D 73 16.57 26.57 -4.89
N LEU D 74 16.37 26.73 -3.58
CA LEU D 74 16.37 25.58 -2.66
C LEU D 74 15.49 24.44 -3.16
N GLY D 75 14.26 24.77 -3.55
CA GLY D 75 13.32 23.79 -4.04
C GLY D 75 13.85 23.01 -5.23
N VAL D 76 14.57 23.70 -6.12
CA VAL D 76 15.16 23.04 -7.27
C VAL D 76 16.33 22.17 -6.86
N VAL D 77 17.10 22.64 -5.88
CA VAL D 77 18.20 21.87 -5.33
C VAL D 77 17.67 20.60 -4.67
N TYR D 78 16.46 20.69 -4.12
CA TYR D 78 15.82 19.52 -3.51
C TYR D 78 15.54 18.47 -4.58
N ILE D 79 15.12 18.92 -5.76
CA ILE D 79 14.79 18.01 -6.84
C ILE D 79 16.03 17.28 -7.35
N ARG D 80 17.11 18.01 -7.55
CA ARG D 80 18.35 17.44 -8.05
C ARG D 80 18.84 16.31 -7.13
N GLU D 81 18.90 16.60 -5.84
CA GLU D 81 19.53 15.68 -4.88
C GLU D 81 18.55 14.63 -4.35
N ARG D 82 17.25 14.88 -4.44
CA ARG D 82 16.26 13.96 -3.92
C ARG D 82 15.00 13.94 -4.78
N GLY D 83 15.18 13.89 -6.09
CA GLY D 83 14.06 13.85 -7.01
C GLY D 83 13.43 12.48 -7.08
N ALA D 89 13.29 18.11 -15.43
CA ALA D 89 11.87 17.75 -15.40
C ALA D 89 11.00 18.98 -15.11
N SER D 90 10.66 19.19 -13.84
CA SER D 90 9.79 20.31 -13.45
C SER D 90 10.59 21.47 -12.87
N PHE D 91 11.17 22.29 -13.75
CA PHE D 91 11.82 23.51 -13.32
C PHE D 91 10.87 24.68 -13.53
N LYS D 92 9.60 24.38 -13.75
CA LYS D 92 8.60 25.40 -13.99
C LYS D 92 8.15 26.08 -12.70
N GLY D 93 8.18 27.41 -12.70
CA GLY D 93 7.77 28.18 -11.54
C GLY D 93 8.45 27.72 -10.26
N THR D 94 7.69 27.72 -9.17
CA THR D 94 8.20 27.24 -7.89
C THR D 94 7.62 25.87 -7.59
N ARG D 95 7.54 25.02 -8.61
CA ARG D 95 7.02 23.66 -8.46
C ARG D 95 7.98 22.82 -7.64
N GLY D 96 9.26 23.14 -7.72
CA GLY D 96 10.28 22.44 -6.95
C GLY D 96 10.09 22.68 -5.47
N ARG D 97 9.82 23.93 -5.11
CA ARG D 97 9.56 24.31 -3.73
C ARG D 97 8.32 23.60 -3.22
N ARG D 98 7.24 23.68 -4.01
CA ARG D 98 5.97 23.05 -3.66
C ARG D 98 6.17 21.58 -3.29
N ARG D 99 6.98 20.88 -4.07
CA ARG D 99 7.26 19.47 -3.81
C ARG D 99 8.08 19.31 -2.53
N MET D 100 9.01 20.24 -2.31
CA MET D 100 9.85 20.18 -1.13
C MET D 100 9.03 20.36 0.13
N LEU D 101 8.12 21.33 0.12
CA LEU D 101 7.27 21.61 1.27
C LEU D 101 6.40 20.42 1.62
N ALA D 102 5.91 19.72 0.60
CA ALA D 102 5.08 18.54 0.80
C ALA D 102 5.85 17.47 1.57
N ALA D 103 7.14 17.35 1.26
CA ALA D 103 8.00 16.37 1.91
C ALA D 103 8.30 16.79 3.35
N LEU D 104 8.51 18.09 3.56
CA LEU D 104 8.82 18.60 4.89
C LEU D 104 7.63 18.44 5.83
N ARG D 105 6.43 18.67 5.30
CA ARG D 105 5.22 18.56 6.10
C ARG D 105 4.81 17.10 6.30
N ARG D 106 5.51 16.21 5.63
CA ARG D 106 5.21 14.78 5.65
C ARG D 106 6.14 14.03 6.61
N THR D 107 7.38 14.50 6.70
CA THR D 107 8.39 13.82 7.51
C THR D 107 8.04 13.89 9.00
N ARG D 108 8.38 12.81 9.72
CA ARG D 108 8.02 12.69 11.13
C ARG D 108 8.94 13.51 12.03
N GLY D 109 10.17 13.74 11.55
CA GLY D 109 11.17 14.42 12.36
C GLY D 109 11.03 15.93 12.40
N LEU D 110 10.05 16.47 11.69
CA LEU D 110 9.83 17.91 11.63
C LEU D 110 8.42 18.28 12.10
N GLN D 111 8.27 19.49 12.60
CA GLN D 111 6.96 20.01 12.99
C GLN D 111 6.80 21.44 12.50
N GLU D 112 5.80 21.67 11.67
CA GLU D 112 5.50 23.02 11.22
C GLU D 112 4.86 23.79 12.37
N ILE D 113 5.54 24.85 12.82
CA ILE D 113 5.10 25.58 14.02
C ILE D 113 4.70 27.02 13.73
N GLY D 114 4.52 27.36 12.46
CA GLY D 114 4.04 28.69 12.10
C GLY D 114 4.64 29.28 10.84
N LYS D 115 4.23 30.51 10.54
CA LYS D 115 4.70 31.23 9.37
C LYS D 115 4.86 32.70 9.70
N GLY D 116 5.03 33.54 8.69
CA GLY D 116 5.14 34.97 8.90
C GLY D 116 5.72 35.72 7.72
N ILE D 117 5.72 37.05 7.82
CA ILE D 117 6.31 37.91 6.80
C ILE D 117 7.32 38.85 7.45
N SER D 118 8.56 38.80 6.99
CA SER D 118 9.62 39.64 7.54
C SER D 118 9.44 41.09 7.12
N GLN D 119 10.25 41.97 7.69
CA GLN D 119 10.15 43.40 7.43
C GLN D 119 10.43 43.73 5.97
N ASP D 120 11.37 43.01 5.35
CA ASP D 120 11.74 43.28 3.97
C ASP D 120 10.68 42.77 2.99
N GLY D 121 9.72 41.99 3.51
CA GLY D 121 8.64 41.47 2.69
C GLY D 121 8.86 40.03 2.28
N HIS D 122 9.70 39.31 3.02
CA HIS D 122 9.97 37.91 2.72
C HIS D 122 8.98 37.02 3.46
N HIS D 123 8.29 36.16 2.69
CA HIS D 123 7.39 35.18 3.27
C HIS D 123 8.19 33.95 3.69
N PHE D 124 7.88 33.39 4.85
CA PHE D 124 8.57 32.19 5.30
C PHE D 124 7.68 31.29 6.14
N LEU D 125 8.01 30.00 6.14
CA LEU D 125 7.40 29.04 7.04
C LEU D 125 8.44 28.68 8.08
N VAL D 126 7.99 28.28 9.27
CA VAL D 126 8.89 27.89 10.34
C VAL D 126 8.70 26.43 10.70
N PHE D 127 9.80 25.68 10.75
CA PHE D 127 9.77 24.28 11.11
C PHE D 127 10.67 24.01 12.31
N ARG D 128 10.25 23.09 13.16
CA ARG D 128 11.04 22.69 14.32
C ARG D 128 11.64 21.30 14.08
N VAL D 129 12.85 21.09 14.56
CA VAL D 129 13.51 19.79 14.44
C VAL D 129 13.25 18.96 15.70
N ARG D 130 12.97 17.67 15.50
CA ARG D 130 12.78 16.75 16.60
C ARG D 130 14.08 16.01 16.93
#